data_6SYU
#
_entry.id   6SYU
#
_cell.length_a   43.686
_cell.length_b   44.340
_cell.length_c   50.979
_cell.angle_alpha   77.236
_cell.angle_beta   67.267
_cell.angle_gamma   70.577
#
_symmetry.space_group_name_H-M   'P 1'
#
loop_
_entity.id
_entity.type
_entity.pdbx_description
1 polymer 'glucuronoyl esterase OtCE15A'
2 branched beta-D-xylopyranose-(1-4)-beta-D-xylopyranose
3 non-polymer 'MAGNESIUM ION'
4 non-polymer 1,2-ETHANEDIOL
5 non-polymer 'TETRAETHYLENE GLYCOL'
6 water water
#
_entity_poly.entity_id   1
_entity_poly.type   'polypeptide(L)'
_entity_poly.pdbx_seq_one_letter_code
;MGSSHHHHHHSSENLYFQGHSAYTLPDPLVGADGTRVHDRATWQHRRRPELLQLFAREVYGRTPLGRPEGMVFKVTTMEH
AALGGAATRKEVTVRFGRDPNAPSMQLLLYVPNAVIARAERAPVFLGLNFYGNHTVHTDPAIALSARWIPAEAPNGANHR
ATEAARGSDAQKWPVEQILARGYAVATVYCGDLCPDRPDGLNASVASWLDAAAGDQRAPDAWGAIGVWAWGLSRALDYLE
TDPLVDASRVAVHGHSRLGKAALWAGAQDDRFALVISNESGCGGAALSKRIHGETVARINTVFPHWFARNFRRYDDHEEA
LPVDQHELLALVAPRPLYVASAEDDDWADPRGEFLAVKAAEPVFRLFGQTGPSGEDVPRVNEPSGGALRYHIRPGPHGMT
AQDWAFYLAFADEWLKSALPA
;
_entity_poly.pdbx_strand_id   A
#
loop_
_chem_comp.id
_chem_comp.type
_chem_comp.name
_chem_comp.formula
EDO non-polymer 1,2-ETHANEDIOL 'C2 H6 O2'
MG non-polymer 'MAGNESIUM ION' 'Mg 2'
PG4 non-polymer 'TETRAETHYLENE GLYCOL' 'C8 H18 O5'
XYP D-saccharide, beta linking beta-D-xylopyranose 'C5 H10 O5'
#
# COMPACT_ATOMS: atom_id res chain seq x y z
N HIS A 20 -4.87 22.91 9.41
CA HIS A 20 -5.91 23.73 10.00
C HIS A 20 -6.22 23.22 11.40
N SER A 21 -7.01 24.00 12.14
CA SER A 21 -7.39 23.71 13.52
C SER A 21 -8.90 23.81 13.71
N ALA A 22 -9.68 23.72 12.63
CA ALA A 22 -11.12 23.90 12.74
C ALA A 22 -11.87 22.67 12.25
N TYR A 23 -11.50 21.52 12.76
CA TYR A 23 -12.22 20.29 12.47
C TYR A 23 -12.30 19.48 13.75
N THR A 24 -13.21 18.52 13.73
CA THR A 24 -13.30 17.50 14.76
C THR A 24 -13.33 16.15 14.07
N LEU A 25 -12.78 15.17 14.70
CA LEU A 25 -12.74 13.86 14.08
C LEU A 25 -13.78 12.92 14.69
N PRO A 26 -14.33 12.02 13.91
CA PRO A 26 -15.13 10.93 14.49
C PRO A 26 -14.24 10.02 15.32
N ASP A 27 -14.82 9.46 16.38
CA ASP A 27 -14.07 8.63 17.31
C ASP A 27 -14.03 7.20 16.78
N PRO A 28 -12.86 6.62 16.47
CA PRO A 28 -12.85 5.22 16.01
C PRO A 28 -13.48 4.28 17.01
N LEU A 29 -13.43 4.59 18.30
CA LEU A 29 -13.90 3.70 19.34
C LEU A 29 -15.35 3.97 19.75
N VAL A 30 -16.10 4.71 18.95
CA VAL A 30 -17.54 4.85 19.14
C VAL A 30 -18.23 4.31 17.90
N GLY A 31 -19.07 3.29 18.07
CA GLY A 31 -19.80 2.76 16.95
C GLY A 31 -20.75 3.78 16.36
N ALA A 32 -21.19 3.47 15.13
CA ALA A 32 -22.12 4.37 14.44
C ALA A 32 -23.38 4.63 15.26
N ASP A 33 -23.80 3.66 16.04
CA ASP A 33 -25.01 3.85 16.85
C ASP A 33 -24.73 4.52 18.18
N GLY A 34 -23.50 4.97 18.43
CA GLY A 34 -23.17 5.68 19.64
C GLY A 34 -22.60 4.85 20.76
N THR A 35 -22.56 3.53 20.62
CA THR A 35 -22.09 2.67 21.69
C THR A 35 -20.59 2.55 21.62
N ARG A 36 -19.93 2.80 22.74
CA ARG A 36 -18.48 2.72 22.80
C ARG A 36 -17.99 1.29 22.61
N VAL A 37 -16.83 1.15 21.97
CA VAL A 37 -16.13 -0.12 21.79
C VAL A 37 -15.19 -0.29 22.99
N HIS A 38 -15.45 -1.30 23.82
CA HIS A 38 -14.70 -1.50 25.06
C HIS A 38 -13.70 -2.65 24.99
N ASP A 39 -13.79 -3.51 23.98
CA ASP A 39 -12.89 -4.66 23.94
C ASP A 39 -12.47 -4.98 22.51
N ARG A 40 -11.41 -5.79 22.44
N ARG A 40 -11.39 -5.77 22.43
CA ARG A 40 -10.82 -6.14 21.15
CA ARG A 40 -10.83 -6.14 21.14
C ARG A 40 -11.79 -6.94 20.30
C ARG A 40 -11.83 -6.91 20.30
N ALA A 41 -12.61 -7.78 20.92
CA ALA A 41 -13.54 -8.62 20.17
C ALA A 41 -14.60 -7.78 19.48
N THR A 42 -15.11 -6.76 20.17
CA THR A 42 -16.07 -5.84 19.57
C THR A 42 -15.41 -5.07 18.42
N TRP A 43 -14.17 -4.62 18.61
CA TRP A 43 -13.49 -3.95 17.50
C TRP A 43 -13.44 -4.87 16.29
N GLN A 44 -12.94 -6.09 16.48
N GLN A 44 -12.93 -6.09 16.47
CA GLN A 44 -12.66 -6.96 15.35
CA GLN A 44 -12.66 -6.96 15.33
C GLN A 44 -13.94 -7.41 14.65
C GLN A 44 -13.95 -7.40 14.65
N HIS A 45 -14.98 -7.71 15.41
CA HIS A 45 -16.16 -8.33 14.83
C HIS A 45 -17.30 -7.37 14.54
N ARG A 46 -17.29 -6.15 15.07
CA ARG A 46 -18.35 -5.18 14.83
C ARG A 46 -17.84 -3.87 14.24
N ARG A 47 -16.87 -3.21 14.89
CA ARG A 47 -16.48 -1.88 14.43
C ARG A 47 -15.67 -1.95 13.14
N ARG A 48 -14.80 -2.93 13.02
N ARG A 48 -14.80 -2.93 13.02
CA ARG A 48 -13.98 -3.07 11.81
CA ARG A 48 -14.00 -3.05 11.79
C ARG A 48 -14.83 -3.23 10.56
C ARG A 48 -14.91 -3.16 10.59
N PRO A 49 -15.82 -4.12 10.51
CA PRO A 49 -16.70 -4.19 9.33
C PRO A 49 -17.45 -2.91 9.07
N GLU A 50 -17.89 -2.23 10.13
CA GLU A 50 -18.59 -0.97 9.97
C GLU A 50 -17.70 0.07 9.30
N LEU A 51 -16.44 0.18 9.73
CA LEU A 51 -15.54 1.16 9.12
C LEU A 51 -15.13 0.75 7.71
N LEU A 52 -14.88 -0.54 7.48
CA LEU A 52 -14.56 -0.99 6.13
C LEU A 52 -15.67 -0.63 5.14
N GLN A 53 -16.93 -0.76 5.56
N GLN A 53 -16.93 -0.76 5.58
CA GLN A 53 -18.03 -0.43 4.67
CA GLN A 53 -18.05 -0.45 4.69
C GLN A 53 -18.10 1.05 4.40
C GLN A 53 -18.14 1.05 4.42
N LEU A 54 -17.81 1.88 5.41
CA LEU A 54 -17.82 3.33 5.22
C LEU A 54 -16.76 3.76 4.22
N PHE A 55 -15.54 3.24 4.37
CA PHE A 55 -14.48 3.55 3.42
C PHE A 55 -14.79 3.03 2.02
N ALA A 56 -15.37 1.83 1.91
CA ALA A 56 -15.69 1.29 0.59
C ALA A 56 -16.73 2.16 -0.11
N ARG A 57 -17.79 2.55 0.61
N ARG A 57 -17.80 2.53 0.60
CA ARG A 57 -18.87 3.30 -0.02
CA ARG A 57 -18.87 3.30 0.00
C ARG A 57 -18.49 4.74 -0.30
C ARG A 57 -18.42 4.71 -0.33
N GLU A 58 -17.78 5.40 0.63
CA GLU A 58 -17.63 6.85 0.55
C GLU A 58 -16.28 7.31 0.01
N VAL A 59 -15.26 6.45 0.02
CA VAL A 59 -13.90 6.88 -0.31
C VAL A 59 -13.35 6.08 -1.48
N TYR A 60 -13.03 4.80 -1.27
CA TYR A 60 -12.29 4.04 -2.29
C TYR A 60 -13.19 3.32 -3.27
N GLY A 61 -14.44 3.11 -2.95
CA GLY A 61 -15.30 2.25 -3.73
C GLY A 61 -15.20 0.81 -3.29
N ARG A 62 -16.20 0.02 -3.65
CA ARG A 62 -16.33 -1.35 -3.19
C ARG A 62 -15.38 -2.28 -3.94
N THR A 63 -14.62 -3.08 -3.21
CA THR A 63 -13.87 -4.15 -3.85
C THR A 63 -14.88 -5.27 -4.15
N PRO A 64 -15.14 -5.59 -5.42
CA PRO A 64 -16.30 -6.45 -5.70
C PRO A 64 -16.11 -7.89 -5.27
N LEU A 65 -14.89 -8.40 -5.39
CA LEU A 65 -14.53 -9.69 -4.81
C LEU A 65 -13.02 -9.73 -4.71
N GLY A 66 -12.52 -10.76 -4.05
CA GLY A 66 -11.11 -10.94 -3.85
C GLY A 66 -10.53 -11.78 -4.97
N ARG A 67 -10.04 -12.94 -4.62
CA ARG A 67 -9.40 -13.79 -5.59
C ARG A 67 -10.42 -14.29 -6.62
N PRO A 68 -10.16 -14.12 -7.91
CA PRO A 68 -11.07 -14.67 -8.91
C PRO A 68 -10.80 -16.15 -9.11
N GLU A 69 -11.83 -16.85 -9.56
CA GLU A 69 -11.68 -18.28 -9.78
C GLU A 69 -10.68 -18.53 -10.90
N GLY A 70 -9.88 -19.59 -10.76
CA GLY A 70 -9.03 -19.97 -11.86
C GLY A 70 -7.79 -19.12 -11.99
N MET A 71 -7.36 -18.48 -10.91
CA MET A 71 -6.08 -17.80 -10.93
C MET A 71 -4.97 -18.84 -11.05
N VAL A 72 -4.07 -18.62 -12.00
CA VAL A 72 -2.98 -19.54 -12.36
C VAL A 72 -1.66 -18.81 -12.16
N PHE A 73 -0.67 -19.49 -11.61
CA PHE A 73 0.65 -18.92 -11.37
C PHE A 73 1.66 -19.64 -12.27
N LYS A 74 2.31 -18.90 -13.16
CA LYS A 74 3.32 -19.46 -14.06
C LYS A 74 4.64 -18.79 -13.77
N VAL A 75 5.62 -19.57 -13.32
CA VAL A 75 6.98 -19.08 -13.17
C VAL A 75 7.60 -19.03 -14.58
N THR A 76 7.83 -17.83 -15.08
CA THR A 76 8.36 -17.68 -16.44
C THR A 76 9.89 -17.69 -16.48
N THR A 77 10.56 -17.22 -15.43
CA THR A 77 12.01 -17.32 -15.34
C THR A 77 12.38 -17.56 -13.88
N MET A 78 13.47 -18.30 -13.67
CA MET A 78 14.00 -18.55 -12.33
C MET A 78 15.52 -18.61 -12.41
N GLU A 79 16.19 -17.62 -11.82
CA GLU A 79 17.64 -17.48 -11.86
C GLU A 79 18.17 -17.69 -10.45
N HIS A 80 19.06 -18.67 -10.29
CA HIS A 80 19.55 -19.01 -8.95
C HIS A 80 20.78 -18.24 -8.52
N ALA A 81 21.40 -17.49 -9.42
CA ALA A 81 22.63 -16.76 -9.14
C ALA A 81 22.50 -15.29 -9.53
N ALA A 82 21.34 -14.70 -9.28
CA ALA A 82 21.15 -13.28 -9.57
C ALA A 82 21.95 -12.42 -8.59
N LEU A 83 22.18 -11.16 -9.00
CA LEU A 83 22.89 -10.18 -8.19
C LEU A 83 24.22 -10.74 -7.68
N GLY A 84 25.00 -11.28 -8.61
CA GLY A 84 26.32 -11.76 -8.28
C GLY A 84 26.35 -12.98 -7.41
N GLY A 85 25.23 -13.71 -7.33
CA GLY A 85 25.08 -14.87 -6.48
C GLY A 85 24.28 -14.60 -5.22
N ALA A 86 23.95 -13.34 -4.94
CA ALA A 86 23.30 -13.00 -3.69
C ALA A 86 21.82 -13.39 -3.67
N ALA A 87 21.20 -13.59 -4.82
CA ALA A 87 19.76 -13.75 -4.85
C ALA A 87 19.31 -14.80 -5.85
N THR A 88 18.17 -15.41 -5.55
CA THR A 88 17.36 -16.10 -6.54
C THR A 88 16.32 -15.10 -7.02
N ARG A 89 16.15 -14.98 -8.34
CA ARG A 89 15.19 -14.05 -8.94
C ARG A 89 14.18 -14.87 -9.71
N LYS A 90 12.91 -14.74 -9.35
CA LYS A 90 11.82 -15.39 -10.05
C LYS A 90 10.91 -14.34 -10.65
N GLU A 91 10.47 -14.57 -11.88
CA GLU A 91 9.40 -13.82 -12.49
C GLU A 91 8.19 -14.74 -12.62
N VAL A 92 7.05 -14.27 -12.16
CA VAL A 92 5.83 -15.05 -12.09
C VAL A 92 4.72 -14.27 -12.79
N THR A 93 4.06 -14.90 -13.75
CA THR A 93 2.84 -14.37 -14.30
C THR A 93 1.69 -14.91 -13.45
N VAL A 94 0.92 -14.00 -12.87
CA VAL A 94 -0.28 -14.32 -12.11
C VAL A 94 -1.43 -14.03 -13.06
N ARG A 95 -2.05 -15.08 -13.61
CA ARG A 95 -3.08 -14.96 -14.63
C ARG A 95 -4.43 -15.16 -13.98
N PHE A 96 -5.35 -14.22 -14.21
CA PHE A 96 -6.64 -14.17 -13.53
C PHE A 96 -7.71 -14.95 -14.28
N GLY A 97 -7.42 -16.20 -14.53
CA GLY A 97 -8.31 -17.10 -15.23
C GLY A 97 -7.49 -18.17 -15.91
N ARG A 98 -8.13 -19.31 -16.15
CA ARG A 98 -7.42 -20.43 -16.75
C ARG A 98 -7.18 -20.25 -18.23
N ASP A 99 -8.09 -19.54 -18.92
CA ASP A 99 -7.87 -19.33 -20.35
C ASP A 99 -6.55 -18.58 -20.55
N PRO A 100 -5.66 -19.06 -21.41
CA PRO A 100 -4.39 -18.35 -21.64
C PRO A 100 -4.56 -16.89 -22.04
N ASN A 101 -5.74 -16.50 -22.49
CA ASN A 101 -5.98 -15.11 -22.87
C ASN A 101 -6.33 -14.19 -21.71
N ALA A 102 -6.44 -14.72 -20.49
CA ALA A 102 -7.05 -13.96 -19.42
C ALA A 102 -6.10 -12.84 -18.99
N PRO A 103 -6.64 -11.77 -18.41
CA PRO A 103 -5.79 -10.72 -17.88
C PRO A 103 -4.82 -11.26 -16.84
N SER A 104 -3.68 -10.56 -16.68
CA SER A 104 -2.63 -11.05 -15.80
C SER A 104 -1.84 -9.89 -15.24
N MET A 105 -0.95 -10.20 -14.30
CA MET A 105 0.05 -9.26 -13.83
C MET A 105 1.38 -10.00 -13.68
N GLN A 106 2.46 -9.25 -13.76
CA GLN A 106 3.81 -9.81 -13.75
C GLN A 106 4.49 -9.47 -12.43
N LEU A 107 4.75 -10.49 -11.63
CA LEU A 107 5.39 -10.34 -10.32
C LEU A 107 6.88 -10.66 -10.41
N LEU A 108 7.71 -9.77 -9.83
CA LEU A 108 9.15 -9.98 -9.71
C LEU A 108 9.49 -10.26 -8.26
N LEU A 109 10.27 -11.30 -8.03
CA LEU A 109 10.64 -11.71 -6.68
C LEU A 109 12.14 -11.96 -6.61
N TYR A 110 12.82 -11.26 -5.73
CA TYR A 110 14.20 -11.57 -5.36
C TYR A 110 14.17 -12.16 -3.95
N VAL A 111 14.85 -13.30 -3.77
CA VAL A 111 14.90 -13.98 -2.48
C VAL A 111 16.38 -14.12 -2.11
N PRO A 112 16.78 -13.79 -0.88
CA PRO A 112 18.20 -13.91 -0.50
C PRO A 112 18.67 -15.36 -0.50
N ASN A 113 19.75 -15.63 -1.25
CA ASN A 113 20.24 -16.99 -1.32
C ASN A 113 20.78 -17.49 0.01
N ALA A 114 21.25 -16.60 0.88
CA ALA A 114 21.72 -17.06 2.18
C ALA A 114 20.61 -17.76 2.96
N VAL A 115 19.39 -17.23 2.87
CA VAL A 115 18.25 -17.79 3.58
C VAL A 115 17.78 -19.08 2.89
N ILE A 116 17.70 -19.09 1.56
CA ILE A 116 17.35 -20.30 0.82
C ILE A 116 18.29 -21.44 1.18
N ALA A 117 19.60 -21.13 1.23
CA ALA A 117 20.58 -22.19 1.47
C ALA A 117 20.40 -22.80 2.85
N ARG A 118 19.97 -22.01 3.83
CA ARG A 118 19.65 -22.51 5.16
C ARG A 118 18.34 -23.27 5.21
N ALA A 119 17.60 -23.34 4.09
CA ALA A 119 16.33 -24.05 4.06
C ALA A 119 15.37 -23.48 5.11
N GLU A 120 15.34 -22.16 5.22
CA GLU A 120 14.34 -21.45 6.00
C GLU A 120 13.53 -20.57 5.06
N ARG A 121 12.24 -20.46 5.32
CA ARG A 121 11.39 -19.60 4.52
C ARG A 121 11.67 -18.13 4.85
N ALA A 122 11.74 -17.30 3.82
CA ALA A 122 12.08 -15.90 4.01
C ALA A 122 10.83 -15.04 4.21
N PRO A 123 10.92 -14.05 5.09
CA PRO A 123 9.89 -13.01 5.14
C PRO A 123 10.02 -12.15 3.89
N VAL A 124 9.00 -11.33 3.62
CA VAL A 124 8.90 -10.64 2.35
C VAL A 124 8.46 -9.20 2.55
N PHE A 125 9.10 -8.28 1.84
CA PHE A 125 8.56 -6.94 1.61
C PHE A 125 7.88 -6.95 0.23
N LEU A 126 6.62 -6.54 0.18
CA LEU A 126 5.83 -6.50 -1.05
C LEU A 126 5.29 -5.09 -1.27
N GLY A 127 5.53 -4.54 -2.45
CA GLY A 127 4.95 -3.25 -2.81
C GLY A 127 4.90 -3.08 -4.31
N LEU A 128 3.99 -2.23 -4.76
CA LEU A 128 3.88 -1.91 -6.18
C LEU A 128 4.96 -0.92 -6.58
N ASN A 129 5.35 -0.95 -7.85
CA ASN A 129 6.26 0.04 -8.41
C ASN A 129 5.55 0.95 -9.39
N PHE A 130 6.16 2.12 -9.60
CA PHE A 130 5.54 3.18 -10.38
C PHE A 130 5.62 2.94 -11.88
N TYR A 131 6.76 2.50 -12.40
CA TYR A 131 7.02 2.57 -13.84
C TYR A 131 7.48 1.26 -14.48
N GLY A 132 7.43 0.14 -13.75
CA GLY A 132 7.68 -1.17 -14.32
C GLY A 132 8.69 -1.96 -13.51
N ASN A 133 8.56 -3.28 -13.53
CA ASN A 133 9.46 -4.07 -12.71
C ASN A 133 10.93 -3.81 -13.09
N HIS A 134 11.19 -3.56 -14.38
CA HIS A 134 12.56 -3.34 -14.81
C HIS A 134 13.15 -2.05 -14.24
N THR A 135 12.34 -1.19 -13.64
CA THR A 135 12.85 0.05 -13.07
C THR A 135 13.38 -0.11 -11.66
N VAL A 136 13.07 -1.22 -10.97
CA VAL A 136 13.47 -1.35 -9.58
C VAL A 136 14.95 -1.67 -9.43
N HIS A 137 15.58 -2.23 -10.45
CA HIS A 137 16.99 -2.59 -10.41
C HIS A 137 17.51 -2.57 -11.84
N THR A 138 18.79 -2.27 -11.99
CA THR A 138 19.43 -2.23 -13.30
C THR A 138 19.48 -3.61 -13.95
N ASP A 139 19.47 -4.68 -13.16
CA ASP A 139 19.52 -6.07 -13.59
C ASP A 139 18.98 -6.25 -15.00
N PRO A 140 19.84 -6.51 -15.99
CA PRO A 140 19.38 -6.53 -17.39
C PRO A 140 18.50 -7.71 -17.74
N ALA A 141 18.33 -8.67 -16.85
CA ALA A 141 17.54 -9.86 -17.12
C ALA A 141 16.07 -9.71 -16.71
N ILE A 142 15.70 -8.64 -16.02
CA ILE A 142 14.29 -8.43 -15.71
C ILE A 142 13.54 -8.18 -17.02
N ALA A 143 12.36 -8.78 -17.16
CA ALA A 143 11.58 -8.53 -18.36
C ALA A 143 11.22 -7.06 -18.47
N LEU A 144 11.46 -6.49 -19.64
CA LEU A 144 11.09 -5.10 -19.88
C LEU A 144 9.59 -5.06 -20.09
N SER A 145 8.88 -4.30 -19.26
CA SER A 145 7.44 -4.20 -19.45
C SER A 145 7.10 -3.69 -20.85
N ALA A 146 6.11 -4.33 -21.47
CA ALA A 146 5.54 -3.84 -22.73
C ALA A 146 4.21 -3.10 -22.53
N ARG A 147 3.80 -2.87 -21.29
CA ARG A 147 2.55 -2.17 -21.03
C ARG A 147 2.75 -0.66 -21.07
N TRP A 148 1.64 0.06 -21.21
CA TRP A 148 1.65 1.51 -21.17
C TRP A 148 2.30 2.00 -19.88
N ILE A 149 3.15 3.01 -20.01
CA ILE A 149 3.73 3.73 -18.87
C ILE A 149 3.50 5.23 -19.04
N PRO A 150 3.40 5.98 -17.96
CA PRO A 150 3.16 7.43 -18.09
C PRO A 150 4.34 8.16 -18.69
N ALA A 151 4.02 9.33 -19.25
CA ALA A 151 5.05 10.17 -19.85
C ALA A 151 6.09 10.57 -18.84
N GLU A 152 5.70 10.69 -17.56
CA GLU A 152 6.61 11.10 -16.49
C GLU A 152 7.61 10.02 -16.11
N ALA A 153 7.44 8.78 -16.56
CA ALA A 153 8.44 7.76 -16.30
C ALA A 153 9.76 8.14 -16.93
N PRO A 154 10.88 8.05 -16.22
CA PRO A 154 12.16 8.35 -16.84
C PRO A 154 12.47 7.40 -17.99
N ASN A 155 13.03 7.97 -19.06
CA ASN A 155 13.65 7.18 -20.11
C ASN A 155 12.66 6.27 -20.82
N GLY A 156 11.41 6.71 -20.93
CA GLY A 156 10.45 6.07 -21.80
C GLY A 156 10.36 6.74 -23.17
N ALA A 157 9.64 6.07 -24.07
CA ALA A 157 9.40 6.62 -25.40
C ALA A 157 8.04 6.11 -25.85
N ASN A 158 7.18 7.03 -26.29
CA ASN A 158 5.86 6.65 -26.80
C ASN A 158 5.12 5.78 -25.79
N HIS A 159 5.26 6.11 -24.51
CA HIS A 159 4.53 5.45 -23.44
C HIS A 159 4.92 3.99 -23.28
N ARG A 160 6.14 3.65 -23.67
CA ARG A 160 6.70 2.34 -23.43
C ARG A 160 8.11 2.49 -22.88
N ALA A 161 8.49 1.50 -22.09
CA ALA A 161 9.81 1.48 -21.49
C ALA A 161 10.86 1.22 -22.56
N THR A 162 12.04 1.80 -22.36
CA THR A 162 13.23 1.52 -23.15
C THR A 162 14.30 0.90 -22.26
N GLU A 163 15.39 0.45 -22.88
N GLU A 163 15.39 0.45 -22.88
CA GLU A 163 16.49 -0.11 -22.11
CA GLU A 163 16.48 -0.12 -22.09
C GLU A 163 17.03 0.91 -21.12
C GLU A 163 17.05 0.90 -21.12
N ALA A 164 17.03 2.18 -21.48
CA ALA A 164 17.53 3.22 -20.60
C ALA A 164 16.66 3.40 -19.36
N ALA A 165 15.46 2.79 -19.31
CA ALA A 165 14.62 2.84 -18.14
C ALA A 165 15.01 1.78 -17.11
N ARG A 166 15.88 0.85 -17.45
CA ARG A 166 16.26 -0.17 -16.47
C ARG A 166 16.95 0.50 -15.29
N GLY A 167 16.51 0.15 -14.09
CA GLY A 167 17.06 0.71 -12.88
C GLY A 167 16.74 2.17 -12.66
N SER A 168 15.80 2.75 -13.42
CA SER A 168 15.52 4.17 -13.31
C SER A 168 14.85 4.56 -12.01
N ASP A 169 14.31 3.60 -11.25
CA ASP A 169 13.71 3.89 -9.96
C ASP A 169 14.44 3.15 -8.84
N ALA A 170 15.69 2.75 -9.08
CA ALA A 170 16.42 1.98 -8.09
C ALA A 170 16.65 2.73 -6.80
N GLN A 171 16.63 4.06 -6.83
CA GLN A 171 16.86 4.80 -5.60
C GLN A 171 15.79 4.51 -4.55
N LYS A 172 14.57 4.14 -4.98
CA LYS A 172 13.48 3.81 -4.07
C LYS A 172 13.48 2.34 -3.64
N TRP A 173 14.41 1.54 -4.15
CA TRP A 173 14.39 0.09 -4.00
C TRP A 173 15.79 -0.41 -3.65
N PRO A 174 16.17 -0.34 -2.38
CA PRO A 174 17.52 -0.85 -1.98
C PRO A 174 17.54 -2.36 -1.86
N VAL A 175 17.43 -3.02 -3.01
CA VAL A 175 17.22 -4.47 -3.05
C VAL A 175 18.33 -5.21 -2.30
N GLU A 176 19.59 -4.88 -2.62
CA GLU A 176 20.71 -5.60 -2.01
C GLU A 176 20.68 -5.51 -0.50
N GLN A 177 20.35 -4.32 0.03
CA GLN A 177 20.30 -4.16 1.48
CA GLN A 177 20.30 -4.14 1.48
C GLN A 177 19.16 -4.94 2.09
N ILE A 178 17.97 -4.90 1.46
CA ILE A 178 16.83 -5.64 1.99
C ILE A 178 17.13 -7.13 2.03
N LEU A 179 17.76 -7.65 0.97
CA LEU A 179 18.15 -9.05 0.92
C LEU A 179 19.18 -9.39 1.97
N ALA A 180 20.18 -8.53 2.14
CA ALA A 180 21.25 -8.80 3.10
C ALA A 180 20.70 -8.85 4.51
N ARG A 181 19.63 -8.11 4.78
CA ARG A 181 18.98 -8.12 6.08
C ARG A 181 17.99 -9.26 6.25
N GLY A 182 17.87 -10.14 5.25
CA GLY A 182 17.14 -11.38 5.41
C GLY A 182 15.76 -11.42 4.78
N TYR A 183 15.38 -10.42 3.99
CA TYR A 183 14.03 -10.30 3.46
C TYR A 183 14.03 -10.46 1.95
N ALA A 184 13.02 -11.17 1.45
CA ALA A 184 12.73 -11.16 0.02
C ALA A 184 12.06 -9.86 -0.38
N VAL A 185 12.18 -9.54 -1.67
CA VAL A 185 11.60 -8.34 -2.27
C VAL A 185 10.67 -8.80 -3.40
N ALA A 186 9.38 -8.47 -3.28
CA ALA A 186 8.39 -8.76 -4.30
C ALA A 186 7.76 -7.47 -4.81
N THR A 187 7.53 -7.39 -6.11
CA THR A 187 6.96 -6.17 -6.69
C THR A 187 6.17 -6.50 -7.95
N VAL A 188 5.25 -5.59 -8.29
CA VAL A 188 4.42 -5.63 -9.48
C VAL A 188 4.24 -4.19 -9.93
N TYR A 189 4.26 -3.96 -11.24
CA TYR A 189 4.00 -2.64 -11.80
C TYR A 189 2.53 -2.29 -11.58
N CYS A 190 2.27 -1.13 -10.96
CA CYS A 190 0.88 -0.76 -10.69
C CYS A 190 0.05 -0.74 -11.97
N GLY A 191 0.65 -0.38 -13.10
CA GLY A 191 -0.07 -0.29 -14.35
C GLY A 191 -0.44 -1.62 -14.97
N ASP A 192 0.01 -2.75 -14.41
CA ASP A 192 -0.54 -4.04 -14.82
C ASP A 192 -1.97 -4.15 -14.34
N LEU A 193 -2.33 -3.42 -13.29
CA LEU A 193 -3.63 -3.54 -12.63
C LEU A 193 -4.55 -2.40 -13.02
N CYS A 194 -4.05 -1.18 -12.94
CA CYS A 194 -4.74 0.00 -13.46
C CYS A 194 -3.70 0.99 -13.95
N PRO A 195 -3.65 1.27 -15.26
CA PRO A 195 -2.73 2.32 -15.73
C PRO A 195 -3.03 3.63 -15.02
N ASP A 196 -1.98 4.33 -14.60
CA ASP A 196 -2.17 5.56 -13.83
C ASP A 196 -2.34 6.73 -14.79
N ARG A 197 -3.57 6.88 -15.25
N ARG A 197 -3.57 6.87 -15.28
CA ARG A 197 -4.00 7.95 -16.15
CA ARG A 197 -4.01 7.93 -16.17
C ARG A 197 -5.49 8.13 -15.89
C ARG A 197 -5.50 8.11 -15.93
N PRO A 198 -6.03 9.33 -16.10
CA PRO A 198 -7.43 9.57 -15.72
C PRO A 198 -8.43 8.65 -16.40
N ASP A 199 -8.13 8.14 -17.59
CA ASP A 199 -8.98 7.20 -18.31
C ASP A 199 -8.61 5.74 -18.08
N GLY A 200 -7.73 5.45 -17.11
CA GLY A 200 -7.15 4.12 -17.03
C GLY A 200 -8.05 3.01 -16.55
N LEU A 201 -9.19 3.34 -15.94
CA LEU A 201 -10.04 2.26 -15.42
C LEU A 201 -10.62 1.43 -16.54
N ASN A 202 -10.77 2.02 -17.75
N ASN A 202 -10.73 1.98 -17.72
CA ASN A 202 -11.32 1.30 -18.88
CA ASN A 202 -11.38 1.24 -18.79
C ASN A 202 -10.49 0.09 -19.28
C ASN A 202 -10.46 0.20 -19.41
N ALA A 203 -9.21 0.11 -18.93
CA ALA A 203 -8.23 -0.91 -19.31
C ALA A 203 -7.66 -1.56 -18.06
N SER A 204 -8.44 -1.65 -16.99
CA SER A 204 -7.98 -2.09 -15.69
C SER A 204 -8.75 -3.33 -15.23
N VAL A 205 -8.36 -3.84 -14.05
CA VAL A 205 -9.09 -4.95 -13.42
C VAL A 205 -10.56 -4.64 -13.34
N ALA A 206 -10.90 -3.37 -13.06
CA ALA A 206 -12.30 -2.99 -12.87
C ALA A 206 -13.13 -3.18 -14.12
N SER A 207 -12.48 -3.22 -15.29
CA SER A 207 -13.20 -3.35 -16.55
C SER A 207 -13.64 -4.77 -16.83
N TRP A 208 -13.16 -5.76 -16.06
CA TRP A 208 -13.61 -7.13 -16.23
C TRP A 208 -14.03 -7.83 -14.94
N LEU A 209 -13.61 -7.38 -13.77
CA LEU A 209 -13.95 -8.08 -12.53
C LEU A 209 -15.31 -7.62 -12.05
N ASP A 210 -16.33 -8.44 -12.25
CA ASP A 210 -17.71 -8.11 -11.87
C ASP A 210 -18.18 -6.84 -12.57
N ALA A 211 -17.78 -6.68 -13.83
CA ALA A 211 -18.03 -5.44 -14.54
C ALA A 211 -19.49 -5.32 -14.94
N ALA A 212 -19.93 -4.07 -15.09
CA ALA A 212 -21.24 -3.77 -15.61
C ALA A 212 -21.30 -4.08 -17.10
N ALA A 213 -22.51 -4.05 -17.65
CA ALA A 213 -22.72 -4.31 -19.07
C ALA A 213 -22.40 -3.11 -19.93
N GLY A 214 -22.39 -1.92 -19.35
CA GLY A 214 -22.06 -0.71 -20.08
C GLY A 214 -22.31 0.50 -19.22
N ASP A 215 -22.06 1.67 -19.82
CA ASP A 215 -22.29 2.97 -19.21
C ASP A 215 -21.24 3.27 -18.13
N GLN A 216 -21.40 4.43 -17.50
CA GLN A 216 -20.42 4.93 -16.56
C GLN A 216 -20.41 4.10 -15.28
N ARG A 217 -19.26 4.09 -14.60
CA ARG A 217 -19.16 3.34 -13.36
C ARG A 217 -20.07 3.96 -12.31
N ALA A 218 -20.59 3.09 -11.43
CA ALA A 218 -21.57 3.48 -10.43
C ALA A 218 -20.93 4.36 -9.36
N PRO A 219 -21.77 5.06 -8.58
CA PRO A 219 -21.22 5.98 -7.58
C PRO A 219 -20.25 5.34 -6.60
N ASP A 220 -20.51 4.11 -6.18
CA ASP A 220 -19.66 3.41 -5.22
C ASP A 220 -18.66 2.44 -5.89
N ALA A 221 -18.48 2.54 -7.20
CA ALA A 221 -17.55 1.65 -7.87
C ALA A 221 -16.10 2.01 -7.55
N TRP A 222 -15.29 0.98 -7.34
CA TRP A 222 -13.89 1.20 -7.00
C TRP A 222 -13.13 1.92 -8.11
N GLY A 223 -12.06 2.58 -7.71
CA GLY A 223 -11.15 3.22 -8.62
C GLY A 223 -9.77 2.61 -8.58
N ALA A 224 -8.76 3.38 -9.00
CA ALA A 224 -7.41 2.85 -9.14
C ALA A 224 -6.83 2.40 -7.80
N ILE A 225 -7.07 3.16 -6.73
CA ILE A 225 -6.49 2.77 -5.45
C ILE A 225 -7.03 1.42 -5.01
N GLY A 226 -8.34 1.22 -5.14
CA GLY A 226 -8.90 -0.10 -4.85
C GLY A 226 -8.32 -1.20 -5.74
N VAL A 227 -8.16 -0.93 -7.02
CA VAL A 227 -7.62 -1.93 -7.94
C VAL A 227 -6.16 -2.27 -7.60
N TRP A 228 -5.37 -1.24 -7.35
CA TRP A 228 -3.98 -1.45 -6.93
C TRP A 228 -3.90 -2.27 -5.64
N ALA A 229 -4.75 -1.95 -4.66
CA ALA A 229 -4.75 -2.70 -3.40
C ALA A 229 -5.12 -4.15 -3.65
N TRP A 230 -6.10 -4.38 -4.52
CA TRP A 230 -6.51 -5.75 -4.84
C TRP A 230 -5.35 -6.52 -5.46
N GLY A 231 -4.57 -5.87 -6.30
CA GLY A 231 -3.42 -6.54 -6.89
C GLY A 231 -2.41 -6.98 -5.85
N LEU A 232 -2.21 -6.17 -4.81
CA LEU A 232 -1.32 -6.56 -3.74
C LEU A 232 -1.81 -7.82 -3.05
N SER A 233 -3.12 -7.94 -2.84
CA SER A 233 -3.66 -9.15 -2.24
C SER A 233 -3.51 -10.35 -3.16
N ARG A 234 -3.64 -10.16 -4.48
CA ARG A 234 -3.38 -11.27 -5.40
C ARG A 234 -1.91 -11.68 -5.39
N ALA A 235 -0.99 -10.72 -5.23
CA ALA A 235 0.42 -11.07 -5.08
C ALA A 235 0.62 -11.91 -3.82
N LEU A 236 -0.07 -11.57 -2.74
CA LEU A 236 0.01 -12.35 -1.53
C LEU A 236 -0.54 -13.76 -1.77
N ASP A 237 -1.62 -13.88 -2.55
CA ASP A 237 -2.11 -15.21 -2.89
C ASP A 237 -1.02 -16.04 -3.56
N TYR A 238 -0.24 -15.43 -4.45
CA TYR A 238 0.88 -16.14 -5.06
C TYR A 238 1.91 -16.53 -4.00
N LEU A 239 2.28 -15.57 -3.15
CA LEU A 239 3.36 -15.83 -2.20
C LEU A 239 3.02 -17.00 -1.29
N GLU A 240 1.74 -17.22 -1.01
CA GLU A 240 1.31 -18.35 -0.21
C GLU A 240 1.64 -19.70 -0.86
N THR A 241 1.96 -19.73 -2.15
CA THR A 241 2.29 -20.97 -2.84
C THR A 241 3.78 -21.15 -3.07
N ASP A 242 4.60 -20.16 -2.73
CA ASP A 242 6.01 -20.20 -3.08
C ASP A 242 6.81 -20.80 -1.93
N PRO A 243 7.48 -21.93 -2.12
CA PRO A 243 8.13 -22.59 -0.98
C PRO A 243 9.30 -21.82 -0.40
N LEU A 244 9.77 -20.78 -1.07
CA LEU A 244 10.91 -20.04 -0.57
C LEU A 244 10.55 -19.00 0.48
N VAL A 245 9.26 -18.69 0.65
CA VAL A 245 8.85 -17.56 1.48
C VAL A 245 7.86 -18.00 2.54
N ASP A 246 7.74 -17.16 3.55
CA ASP A 246 6.76 -17.33 4.62
C ASP A 246 5.70 -16.28 4.40
N ALA A 247 4.58 -16.69 3.82
CA ALA A 247 3.55 -15.72 3.47
C ALA A 247 2.76 -15.22 4.68
N SER A 248 3.05 -15.71 5.88
CA SER A 248 2.54 -15.12 7.10
C SER A 248 3.42 -13.98 7.60
N ARG A 249 4.53 -13.71 6.92
CA ARG A 249 5.47 -12.67 7.33
C ARG A 249 5.70 -11.72 6.15
N VAL A 250 4.62 -11.11 5.65
CA VAL A 250 4.70 -10.19 4.52
C VAL A 250 4.39 -8.78 5.00
N ALA A 251 5.34 -7.88 4.76
CA ALA A 251 5.19 -6.46 4.99
C ALA A 251 4.78 -5.84 3.66
N VAL A 252 3.62 -5.21 3.64
CA VAL A 252 3.13 -4.51 2.47
C VAL A 252 3.46 -3.04 2.63
N HIS A 253 4.06 -2.46 1.59
CA HIS A 253 4.56 -1.09 1.67
C HIS A 253 4.23 -0.37 0.38
N GLY A 254 4.25 0.95 0.45
CA GLY A 254 4.07 1.75 -0.74
C GLY A 254 4.48 3.18 -0.50
N HIS A 255 4.93 3.82 -1.56
CA HIS A 255 5.26 5.24 -1.57
C HIS A 255 4.13 6.03 -2.22
N SER A 256 3.72 7.09 -1.55
CA SER A 256 2.87 8.12 -2.17
C SER A 256 1.58 7.47 -2.65
N ARG A 257 1.17 7.61 -3.91
CA ARG A 257 -0.09 7.02 -4.34
C ARG A 257 -0.10 5.50 -4.16
N LEU A 258 1.06 4.86 -4.26
CA LEU A 258 1.13 3.42 -4.03
C LEU A 258 1.13 3.08 -2.55
N GLY A 259 1.41 4.07 -1.69
CA GLY A 259 1.21 3.93 -0.27
C GLY A 259 -0.23 4.13 0.15
N LYS A 260 -0.98 4.98 -0.57
CA LYS A 260 -2.42 4.98 -0.38
C LYS A 260 -2.97 3.58 -0.63
N ALA A 261 -2.52 2.95 -1.71
CA ALA A 261 -2.96 1.60 -2.02
C ALA A 261 -2.50 0.60 -0.97
N ALA A 262 -1.25 0.70 -0.51
CA ALA A 262 -0.77 -0.23 0.51
C ALA A 262 -1.62 -0.15 1.78
N LEU A 263 -2.01 1.05 2.18
CA LEU A 263 -2.83 1.17 3.38
C LEU A 263 -4.18 0.50 3.18
N TRP A 264 -4.82 0.78 2.03
CA TRP A 264 -6.14 0.18 1.78
C TRP A 264 -6.05 -1.33 1.64
N ALA A 265 -4.95 -1.83 1.07
CA ALA A 265 -4.74 -3.28 1.04
C ALA A 265 -4.57 -3.85 2.43
N GLY A 266 -3.72 -3.23 3.25
CA GLY A 266 -3.46 -3.77 4.58
C GLY A 266 -4.65 -3.66 5.49
N ALA A 267 -5.49 -2.65 5.26
CA ALA A 267 -6.71 -2.52 6.05
C ALA A 267 -7.73 -3.60 5.68
N GLN A 268 -7.91 -3.83 4.37
CA GLN A 268 -8.92 -4.78 3.93
C GLN A 268 -8.51 -6.23 4.17
N ASP A 269 -7.21 -6.54 4.04
CA ASP A 269 -6.72 -7.91 4.02
C ASP A 269 -5.82 -8.13 5.22
N ASP A 270 -6.37 -8.74 6.26
CA ASP A 270 -5.65 -8.85 7.50
C ASP A 270 -4.61 -9.97 7.48
N ARG A 271 -4.39 -10.60 6.33
CA ARG A 271 -3.27 -11.54 6.22
C ARG A 271 -1.93 -10.81 6.19
N PHE A 272 -1.92 -9.56 5.72
CA PHE A 272 -0.68 -8.80 5.69
C PHE A 272 -0.18 -8.59 7.11
N ALA A 273 1.06 -8.95 7.36
CA ALA A 273 1.55 -8.95 8.74
C ALA A 273 2.00 -7.59 9.23
N LEU A 274 2.32 -6.67 8.32
CA LEU A 274 2.86 -5.38 8.69
C LEU A 274 2.57 -4.46 7.51
N VAL A 275 2.32 -3.19 7.80
CA VAL A 275 1.92 -2.20 6.79
C VAL A 275 2.80 -0.96 6.92
N ILE A 276 3.30 -0.45 5.79
CA ILE A 276 4.16 0.73 5.73
C ILE A 276 3.57 1.72 4.73
N SER A 277 3.30 2.93 5.21
CA SER A 277 2.86 4.07 4.40
C SER A 277 4.00 5.08 4.33
N ASN A 278 4.70 5.13 3.20
CA ASN A 278 5.75 6.12 2.99
C ASN A 278 5.14 7.31 2.27
N GLU A 279 4.85 8.37 3.04
CA GLU A 279 4.43 9.64 2.49
C GLU A 279 3.19 9.50 1.60
N SER A 280 2.17 8.79 2.12
CA SER A 280 0.98 8.59 1.30
C SER A 280 0.08 9.81 1.20
N GLY A 281 0.10 10.72 2.16
CA GLY A 281 -0.60 11.98 1.98
C GLY A 281 -2.11 11.84 1.91
N CYS A 282 -2.70 12.69 1.07
CA CYS A 282 -4.14 12.84 1.00
C CYS A 282 -4.81 11.55 0.51
N GLY A 283 -5.82 11.11 1.24
CA GLY A 283 -6.42 9.84 0.90
C GLY A 283 -5.60 8.63 1.27
N GLY A 284 -4.51 8.84 1.99
CA GLY A 284 -3.70 7.79 2.55
C GLY A 284 -3.69 7.98 4.06
N ALA A 285 -2.55 8.43 4.60
CA ALA A 285 -2.45 8.65 6.04
C ALA A 285 -2.88 10.03 6.49
N ALA A 286 -2.87 11.04 5.64
CA ALA A 286 -3.15 12.39 6.12
C ALA A 286 -4.63 12.56 6.41
N LEU A 287 -4.96 13.27 7.49
CA LEU A 287 -6.35 13.63 7.76
C LEU A 287 -6.90 14.53 6.66
N SER A 288 -8.06 14.14 6.10
CA SER A 288 -8.75 14.98 5.12
C SER A 288 -9.41 16.21 5.76
N LYS A 289 -9.88 16.10 7.01
CA LYS A 289 -10.63 17.18 7.61
C LYS A 289 -9.73 18.35 7.99
N ARG A 290 -8.39 18.20 7.84
N ARG A 290 -8.51 18.03 8.31
CA ARG A 290 -7.44 19.29 8.07
CA ARG A 290 -7.49 19.05 8.42
C ARG A 290 -7.32 20.31 6.94
C ARG A 290 -7.25 19.53 7.00
N ILE A 291 -7.67 19.97 5.69
N ILE A 291 -7.60 20.78 6.73
CA ILE A 291 -7.66 20.94 4.60
CA ILE A 291 -7.52 21.31 5.37
C ILE A 291 -6.32 21.67 4.44
C ILE A 291 -6.08 21.76 5.15
N HIS A 292 -5.25 20.92 4.52
CA HIS A 292 -3.86 21.39 4.41
C HIS A 292 -3.17 20.68 3.25
N GLY A 293 -2.44 21.43 2.44
CA GLY A 293 -1.78 20.79 1.30
C GLY A 293 -2.84 20.30 0.33
N GLU A 294 -2.65 19.08 -0.18
CA GLU A 294 -3.63 18.52 -1.09
C GLU A 294 -4.95 18.31 -0.36
N THR A 295 -6.04 18.69 -1.01
CA THR A 295 -7.38 18.53 -0.45
C THR A 295 -8.17 17.53 -1.27
N VAL A 296 -9.34 17.14 -0.75
CA VAL A 296 -10.20 16.20 -1.47
C VAL A 296 -10.55 16.72 -2.86
N ALA A 297 -10.92 18.00 -2.98
CA ALA A 297 -11.24 18.54 -4.30
C ALA A 297 -10.05 18.45 -5.24
N ARG A 298 -8.84 18.74 -4.75
N ARG A 298 -8.85 18.77 -4.76
CA ARG A 298 -7.71 18.75 -5.67
CA ARG A 298 -7.68 18.76 -5.63
C ARG A 298 -7.33 17.34 -6.10
C ARG A 298 -7.38 17.34 -6.10
N ILE A 299 -7.42 16.37 -5.18
CA ILE A 299 -7.05 15.01 -5.54
C ILE A 299 -8.05 14.42 -6.52
N ASN A 300 -9.35 14.69 -6.31
CA ASN A 300 -10.35 14.15 -7.24
C ASN A 300 -10.33 14.84 -8.59
N THR A 301 -10.00 16.13 -8.63
CA THR A 301 -9.97 16.86 -9.90
C THR A 301 -8.80 16.42 -10.75
N VAL A 302 -7.62 16.27 -10.16
CA VAL A 302 -6.44 15.90 -10.92
C VAL A 302 -6.43 14.41 -11.22
N PHE A 303 -6.92 13.58 -10.29
CA PHE A 303 -6.90 12.12 -10.40
C PHE A 303 -8.30 11.57 -10.23
N PRO A 304 -9.19 11.81 -11.21
CA PRO A 304 -10.59 11.41 -11.05
C PRO A 304 -10.79 9.91 -11.07
N HIS A 305 -9.77 9.16 -11.43
CA HIS A 305 -9.86 7.70 -11.44
C HIS A 305 -9.42 7.06 -10.14
N TRP A 306 -8.85 7.81 -9.19
CA TRP A 306 -8.23 7.17 -8.03
C TRP A 306 -9.25 6.65 -7.02
N PHE A 307 -10.31 7.40 -6.74
CA PHE A 307 -11.27 7.10 -5.70
C PHE A 307 -12.61 6.73 -6.34
N ALA A 308 -13.57 6.40 -5.50
CA ALA A 308 -14.93 6.26 -5.99
C ALA A 308 -15.48 7.62 -6.40
N ARG A 309 -16.44 7.61 -7.29
CA ARG A 309 -17.12 8.83 -7.64
C ARG A 309 -17.80 9.43 -6.38
N ASN A 310 -18.22 8.59 -5.44
CA ASN A 310 -18.84 9.09 -4.21
C ASN A 310 -17.90 10.00 -3.42
N PHE A 311 -16.58 9.82 -3.53
CA PHE A 311 -15.65 10.65 -2.77
C PHE A 311 -15.74 12.10 -3.20
N ARG A 312 -16.19 12.35 -4.43
CA ARG A 312 -16.31 13.70 -4.95
C ARG A 312 -17.39 14.50 -4.24
N ARG A 313 -18.28 13.85 -3.55
CA ARG A 313 -19.30 14.55 -2.76
C ARG A 313 -18.61 15.39 -1.66
N TYR A 314 -17.39 15.03 -1.29
CA TYR A 314 -16.69 15.71 -0.22
C TYR A 314 -15.72 16.78 -0.73
N ASP A 315 -15.68 17.01 -2.05
CA ASP A 315 -14.89 18.11 -2.59
C ASP A 315 -15.36 19.41 -1.94
N ASP A 316 -14.46 20.14 -1.32
CA ASP A 316 -14.76 21.39 -0.61
C ASP A 316 -15.78 21.19 0.51
N HIS A 317 -15.95 19.95 1.00
CA HIS A 317 -16.95 19.64 2.00
C HIS A 317 -16.43 18.52 2.93
N GLU A 318 -15.16 18.61 3.30
CA GLU A 318 -14.57 17.56 4.14
C GLU A 318 -15.28 17.45 5.49
N GLU A 319 -15.89 18.54 5.96
CA GLU A 319 -16.64 18.47 7.20
C GLU A 319 -17.71 17.38 7.18
N ALA A 320 -18.22 17.05 5.98
CA ALA A 320 -19.28 16.05 5.88
C ALA A 320 -18.76 14.62 5.85
N LEU A 321 -17.45 14.41 5.77
CA LEU A 321 -16.95 13.05 5.73
C LEU A 321 -17.36 12.32 7.00
N PRO A 322 -17.87 11.10 6.90
CA PRO A 322 -18.27 10.36 8.10
C PRO A 322 -17.14 9.60 8.73
N VAL A 323 -15.98 9.57 8.07
CA VAL A 323 -14.77 8.94 8.57
C VAL A 323 -13.63 9.89 8.27
N ASP A 324 -12.47 9.63 8.86
CA ASP A 324 -11.23 10.24 8.38
C ASP A 324 -10.13 9.20 8.42
N GLN A 325 -8.95 9.57 7.92
CA GLN A 325 -7.93 8.57 7.63
C GLN A 325 -7.34 7.95 8.90
N HIS A 326 -7.51 8.57 10.05
CA HIS A 326 -7.09 7.90 11.28
C HIS A 326 -7.82 6.58 11.44
N GLU A 327 -9.05 6.48 10.93
CA GLU A 327 -9.79 5.23 11.05
C GLU A 327 -9.31 4.19 10.04
N LEU A 328 -8.71 4.62 8.94
CA LEU A 328 -8.07 3.68 8.04
C LEU A 328 -6.83 3.09 8.69
N LEU A 329 -6.03 3.94 9.31
CA LEU A 329 -4.88 3.45 10.05
C LEU A 329 -5.32 2.49 11.16
N ALA A 330 -6.40 2.83 11.86
CA ALA A 330 -6.88 1.98 12.94
C ALA A 330 -7.27 0.60 12.44
N LEU A 331 -7.68 0.48 11.18
CA LEU A 331 -8.09 -0.80 10.62
C LEU A 331 -6.91 -1.75 10.47
N VAL A 332 -5.67 -1.28 10.60
CA VAL A 332 -4.53 -2.19 10.59
C VAL A 332 -4.33 -2.85 11.95
N ALA A 333 -4.78 -2.22 13.03
CA ALA A 333 -4.55 -2.77 14.36
C ALA A 333 -5.13 -4.19 14.46
N PRO A 334 -4.47 -5.11 15.18
CA PRO A 334 -3.28 -4.92 16.01
C PRO A 334 -1.97 -5.11 15.27
N ARG A 335 -2.01 -5.22 13.94
CA ARG A 335 -0.79 -5.49 13.20
C ARG A 335 0.08 -4.24 13.14
N PRO A 336 1.39 -4.40 13.09
CA PRO A 336 2.27 -3.23 13.10
C PRO A 336 2.08 -2.35 11.87
N LEU A 337 2.09 -1.04 12.11
CA LEU A 337 1.84 -0.03 11.10
C LEU A 337 2.88 1.07 11.26
N TYR A 338 3.53 1.41 10.15
CA TYR A 338 4.49 2.51 10.10
C TYR A 338 3.97 3.57 9.14
N VAL A 339 3.86 4.80 9.62
CA VAL A 339 3.53 5.94 8.79
C VAL A 339 4.71 6.88 8.84
N ALA A 340 5.18 7.36 7.67
CA ALA A 340 6.31 8.26 7.63
C ALA A 340 6.06 9.41 6.66
N SER A 341 6.76 10.52 6.95
CA SER A 341 6.62 11.76 6.24
C SER A 341 7.99 12.30 5.85
N ALA A 342 7.95 13.34 5.02
CA ALA A 342 9.13 14.13 4.66
C ALA A 342 8.92 15.59 5.06
N GLU A 343 9.97 16.21 5.57
CA GLU A 343 9.88 17.52 6.20
C GLU A 343 9.36 18.61 5.26
N ASP A 344 9.83 18.62 4.01
CA ASP A 344 9.48 19.65 3.04
C ASP A 344 8.24 19.31 2.22
N ASP A 345 7.60 18.19 2.54
CA ASP A 345 6.54 17.62 1.70
C ASP A 345 5.17 18.15 2.15
N ASP A 346 5.03 19.47 2.03
CA ASP A 346 3.82 20.13 2.53
C ASP A 346 2.55 19.58 1.89
N TRP A 347 2.62 19.19 0.61
CA TRP A 347 1.43 18.74 -0.10
C TRP A 347 0.85 17.48 0.51
N ALA A 348 1.69 16.62 1.09
CA ALA A 348 1.22 15.42 1.78
C ALA A 348 0.64 15.72 3.15
N ASP A 349 0.94 16.92 3.69
CA ASP A 349 0.57 17.33 5.05
C ASP A 349 1.20 16.42 6.11
N PRO A 350 2.51 16.52 6.29
CA PRO A 350 3.17 15.70 7.32
C PRO A 350 2.54 15.77 8.71
N ARG A 351 2.16 16.95 9.17
CA ARG A 351 1.53 17.02 10.49
C ARG A 351 0.18 16.32 10.48
N GLY A 352 -0.54 16.40 9.37
CA GLY A 352 -1.79 15.66 9.24
C GLY A 352 -1.59 14.15 9.25
N GLU A 353 -0.48 13.68 8.68
CA GLU A 353 -0.14 12.27 8.75
C GLU A 353 0.15 11.89 10.19
N PHE A 354 0.94 12.71 10.90
CA PHE A 354 1.26 12.45 12.29
C PHE A 354 0.01 12.49 13.15
N LEU A 355 -0.86 13.49 12.92
CA LEU A 355 -2.05 13.60 13.74
C LEU A 355 -3.01 12.43 13.50
N ALA A 356 -3.02 11.88 12.27
CA ALA A 356 -3.83 10.70 12.02
C ALA A 356 -3.31 9.51 12.83
N VAL A 357 -1.99 9.36 12.90
CA VAL A 357 -1.40 8.33 13.75
C VAL A 357 -1.85 8.51 15.20
N LYS A 358 -1.76 9.74 15.72
N LYS A 358 -1.76 9.75 15.71
N LYS A 358 -1.76 9.75 15.71
CA LYS A 358 -2.15 9.96 17.11
CA LYS A 358 -2.15 9.99 17.10
CA LYS A 358 -2.15 9.99 17.10
C LYS A 358 -3.63 9.66 17.34
C LYS A 358 -3.62 9.64 17.34
C LYS A 358 -3.62 9.64 17.34
N ALA A 359 -4.48 9.93 16.36
CA ALA A 359 -5.91 9.69 16.53
C ALA A 359 -6.26 8.22 16.34
N ALA A 360 -5.39 7.45 15.70
CA ALA A 360 -5.55 6.00 15.61
C ALA A 360 -4.98 5.29 16.82
N GLU A 361 -4.09 5.94 17.55
CA GLU A 361 -3.39 5.32 18.65
C GLU A 361 -4.31 4.65 19.71
N PRO A 362 -5.45 5.23 20.04
CA PRO A 362 -6.29 4.57 21.05
C PRO A 362 -6.73 3.17 20.64
N VAL A 363 -6.89 2.91 19.33
CA VAL A 363 -7.26 1.57 18.90
C VAL A 363 -6.07 0.64 19.08
N PHE A 364 -4.88 1.09 18.68
CA PHE A 364 -3.68 0.29 18.91
C PHE A 364 -3.48 0.01 20.38
N ARG A 365 -3.77 0.98 21.23
CA ARG A 365 -3.65 0.84 22.67
C ARG A 365 -4.65 -0.21 23.20
N LEU A 366 -5.86 -0.24 22.66
CA LEU A 366 -6.82 -1.27 23.03
C LEU A 366 -6.22 -2.66 22.84
N PHE A 367 -5.41 -2.84 21.80
CA PHE A 367 -4.72 -4.08 21.51
C PHE A 367 -3.35 -4.20 22.18
N GLY A 368 -3.06 -3.36 23.17
CA GLY A 368 -1.82 -3.48 23.90
C GLY A 368 -0.58 -3.01 23.18
N GLN A 369 -0.73 -2.28 22.07
CA GLN A 369 0.41 -1.68 21.39
C GLN A 369 0.58 -0.22 21.82
N THR A 370 1.67 0.40 21.39
CA THR A 370 1.94 1.79 21.72
C THR A 370 2.38 2.56 20.48
N GLY A 371 1.99 3.84 20.45
CA GLY A 371 2.31 4.72 19.36
C GLY A 371 3.29 5.81 19.77
N PRO A 372 3.51 6.76 18.87
CA PRO A 372 4.42 7.88 19.18
C PRO A 372 4.05 8.51 20.51
N SER A 373 5.08 8.83 21.30
CA SER A 373 4.86 9.28 22.67
C SER A 373 4.98 10.78 22.85
N GLY A 374 5.35 11.54 21.80
CA GLY A 374 5.57 12.97 21.94
C GLY A 374 4.31 13.81 21.71
N GLU A 375 4.45 15.11 21.98
CA GLU A 375 3.32 16.02 21.84
C GLU A 375 2.99 16.28 20.37
N ASP A 376 3.99 16.47 19.54
CA ASP A 376 3.82 16.97 18.18
C ASP A 376 4.82 16.23 17.31
N VAL A 377 4.86 16.59 16.04
CA VAL A 377 5.73 15.93 15.07
C VAL A 377 7.12 15.77 15.68
N PRO A 378 7.71 14.57 15.68
CA PRO A 378 9.05 14.40 16.26
C PRO A 378 10.12 15.07 15.42
N ARG A 379 11.30 15.17 16.00
CA ARG A 379 12.44 15.72 15.30
C ARG A 379 12.79 14.82 14.10
N VAL A 380 13.40 15.38 13.08
CA VAL A 380 13.75 14.58 11.90
C VAL A 380 14.63 13.40 12.29
N ASN A 381 14.42 12.29 11.61
CA ASN A 381 15.24 11.10 11.74
C ASN A 381 15.27 10.59 13.18
N GLU A 382 14.19 10.79 13.93
CA GLU A 382 14.02 10.19 15.25
C GLU A 382 12.66 9.52 15.29
N PRO A 383 12.56 8.25 14.88
CA PRO A 383 11.26 7.56 14.90
C PRO A 383 10.71 7.50 16.31
N SER A 384 9.39 7.41 16.38
CA SER A 384 8.71 7.35 17.67
C SER A 384 7.57 6.35 17.57
N GLY A 385 7.44 5.53 18.59
CA GLY A 385 6.38 4.55 18.70
C GLY A 385 6.86 3.13 18.74
N GLY A 386 5.98 2.24 19.19
CA GLY A 386 6.23 0.82 19.20
C GLY A 386 5.79 0.17 17.90
N ALA A 387 4.79 -0.70 17.97
CA ALA A 387 4.23 -1.31 16.77
C ALA A 387 3.44 -0.32 15.93
N LEU A 388 3.05 0.83 16.47
CA LEU A 388 2.51 1.95 15.71
C LEU A 388 3.58 3.01 15.71
N ARG A 389 4.21 3.22 14.56
CA ARG A 389 5.44 4.00 14.51
C ARG A 389 5.36 5.10 13.45
N TYR A 390 6.05 6.21 13.74
CA TYR A 390 6.09 7.36 12.85
C TYR A 390 7.51 7.89 12.78
N HIS A 391 7.92 8.35 11.61
CA HIS A 391 9.09 9.21 11.51
C HIS A 391 8.87 10.26 10.44
N ILE A 392 9.66 11.32 10.52
CA ILE A 392 9.76 12.32 9.48
C ILE A 392 11.24 12.51 9.21
N ARG A 393 11.59 12.58 7.93
CA ARG A 393 12.99 12.78 7.52
C ARG A 393 13.13 14.12 6.84
N PRO A 394 14.35 14.67 6.77
CA PRO A 394 14.55 15.89 5.98
C PRO A 394 14.28 15.64 4.50
N GLY A 395 13.97 16.70 3.79
CA GLY A 395 13.94 16.67 2.35
C GLY A 395 12.54 16.63 1.74
N PRO A 396 12.50 16.46 0.42
CA PRO A 396 11.25 16.46 -0.33
C PRO A 396 10.61 15.08 -0.40
N HIS A 397 9.41 15.05 -0.98
CA HIS A 397 8.69 13.82 -1.26
C HIS A 397 9.59 12.84 -2.00
N GLY A 398 9.59 11.60 -1.53
CA GLY A 398 10.47 10.58 -2.05
C GLY A 398 10.48 9.38 -1.12
N MET A 399 11.33 8.42 -1.45
CA MET A 399 11.53 7.27 -0.56
C MET A 399 13.02 6.95 -0.59
N THR A 400 13.67 7.17 0.54
CA THR A 400 15.12 7.21 0.57
C THR A 400 15.70 6.04 1.34
N ALA A 401 17.03 5.91 1.24
CA ALA A 401 17.73 4.94 2.05
C ALA A 401 17.47 5.14 3.53
N GLN A 402 17.33 6.38 3.98
CA GLN A 402 17.06 6.60 5.39
C GLN A 402 15.68 6.03 5.76
N ASP A 403 14.68 6.25 4.92
CA ASP A 403 13.37 5.67 5.18
C ASP A 403 13.48 4.16 5.33
N TRP A 404 14.13 3.50 4.36
CA TRP A 404 14.27 2.05 4.37
C TRP A 404 15.05 1.55 5.59
N ALA A 405 16.09 2.27 6.02
CA ALA A 405 16.81 1.83 7.20
C ALA A 405 15.87 1.73 8.40
N PHE A 406 14.98 2.72 8.55
CA PHE A 406 14.02 2.70 9.62
C PHE A 406 12.99 1.59 9.44
N TYR A 407 12.54 1.36 8.20
CA TYR A 407 11.58 0.27 7.96
C TYR A 407 12.17 -1.09 8.26
N LEU A 408 13.45 -1.30 7.89
CA LEU A 408 14.09 -2.58 8.18
C LEU A 408 14.22 -2.82 9.67
N ALA A 409 14.58 -1.79 10.44
CA ALA A 409 14.63 -1.94 11.90
C ALA A 409 13.27 -2.29 12.46
N PHE A 410 12.23 -1.63 11.95
CA PHE A 410 10.86 -1.90 12.40
C PHE A 410 10.45 -3.33 12.09
N ALA A 411 10.74 -3.79 10.87
CA ALA A 411 10.42 -5.16 10.51
C ALA A 411 11.19 -6.15 11.39
N ASP A 412 12.46 -5.90 11.66
CA ASP A 412 13.20 -6.82 12.52
C ASP A 412 12.52 -6.97 13.87
N GLU A 413 12.01 -5.87 14.41
CA GLU A 413 11.40 -5.88 15.74
C GLU A 413 10.00 -6.41 15.73
N TRP A 414 9.18 -6.00 14.75
CA TRP A 414 7.74 -6.13 14.89
C TRP A 414 7.11 -7.07 13.89
N LEU A 415 7.82 -7.47 12.84
CA LEU A 415 7.20 -8.41 11.92
C LEU A 415 6.97 -9.70 12.69
N LYS A 416 5.84 -10.35 12.41
N LYS A 416 5.84 -10.34 12.42
CA LYS A 416 5.54 -11.65 12.98
CA LYS A 416 5.55 -11.62 13.05
C LYS A 416 6.78 -12.54 12.93
C LYS A 416 6.76 -12.55 12.94
N SER A 417 7.09 -13.20 14.05
CA SER A 417 8.25 -14.07 14.08
C SER A 417 7.98 -15.37 13.30
N ALA A 418 9.07 -16.02 12.88
CA ALA A 418 8.98 -17.33 12.25
C ALA A 418 8.57 -18.42 13.23
N LEU A 419 8.76 -18.19 14.54
CA LEU A 419 8.46 -19.20 15.55
C LEU A 419 6.99 -19.12 15.96
N PRO A 420 6.32 -20.26 16.13
CA PRO A 420 4.94 -20.21 16.62
C PRO A 420 4.87 -19.63 18.03
N ALA A 421 3.68 -19.17 18.40
CA ALA A 421 3.46 -18.53 19.69
C ALA A 421 3.95 -19.38 20.87
O1 XYP B . 4.51 18.08 -9.95
C1 XYP B . 3.30 17.44 -9.52
C2 XYP B . 3.34 16.02 -10.06
C3 XYP B . 2.23 15.16 -9.46
C4 XYP B . 2.06 15.34 -7.97
C5 XYP B . 2.06 16.83 -7.61
O2 XYP B . 3.16 16.01 -11.48
O3 XYP B . 2.58 13.81 -9.75
O4 XYP B . 0.91 14.69 -7.60
O5 XYP B . 3.27 17.42 -8.11
HO1 XYP B . 4.77 18.75 -9.30
H1 XYP B . 2.41 17.95 -9.90
H2 XYP B . 4.31 15.61 -9.79
H3 XYP B . 1.27 15.45 -9.90
H4 XYP B . 2.91 14.87 -7.46
H51 XYP B . 1.99 16.95 -6.53
H52 XYP B . 1.19 17.31 -8.06
HO2 XYP B . 3.75 16.67 -11.88
HO3 XYP B . 2.58 13.68 -10.71
C1 XYP B . 0.99 14.14 -6.28
C2 XYP B . -0.41 13.80 -5.79
C3 XYP B . -0.30 13.09 -4.43
C4 XYP B . 0.69 11.94 -4.52
C5 XYP B . 2.02 12.42 -5.03
O2 XYP B . -1.21 14.98 -5.68
O3 XYP B . -1.60 12.62 -4.01
O4 XYP B . 0.82 11.36 -3.22
O5 XYP B . 1.83 13.00 -6.33
H1 XYP B . 1.40 14.88 -5.57
H2 XYP B . -0.91 13.13 -6.50
H3 XYP B . 0.06 13.82 -3.69
H4 XYP B . 0.31 11.18 -5.22
H51 XYP B . 2.72 11.58 -5.10
H52 XYP B . 2.44 13.17 -4.35
HO2 XYP B . -1.49 15.26 -6.56
HO3 XYP B . -1.67 12.69 -3.05
HO4 XYP B . 1.68 11.61 -2.83
O1 XYP C . -18.84 -2.00 -22.67
C1 XYP C . -18.60 -2.34 -21.29
C2 XYP C . -17.14 -2.74 -21.11
C3 XYP C . -16.80 -2.97 -19.65
C4 XYP C . -17.26 -1.79 -18.81
C5 XYP C . -18.73 -1.49 -19.08
O2 XYP C . -16.87 -3.94 -21.85
O3 XYP C . -15.40 -3.11 -19.52
O4 XYP C . -17.06 -2.12 -17.42
O5 XYP C . -18.90 -1.21 -20.48
HO1 XYP C . -19.79 -1.94 -22.82
H1 XYP C . -19.22 -3.19 -20.99
H2 XYP C . -16.52 -1.91 -21.51
H3 XYP C . -17.31 -3.88 -19.31
H4 XYP C . -16.67 -0.90 -19.05
H51 XYP C . -19.05 -0.63 -18.49
H52 XYP C . -19.35 -2.33 -18.79
HO2 XYP C . -16.95 -3.76 -22.80
HO3 XYP C . -15.13 -2.95 -18.61
C1 XYP C . -16.73 -1.03 -16.65
C2 XYP C . -16.89 -1.41 -15.18
C3 XYP C . -16.40 -0.28 -14.29
C4 XYP C . -14.99 0.15 -14.70
C5 XYP C . -14.88 0.36 -16.22
O2 XYP C . -18.28 -1.69 -14.88
O3 XYP C . -16.38 -0.73 -12.92
O4 XYP C . -14.64 1.38 -14.07
O5 XYP C . -15.36 -0.79 -16.93
H1 XYP C . -17.32 -0.11 -16.84
H2 XYP C . -16.30 -2.30 -14.97
H3 XYP C . -17.08 0.57 -14.39
H4 XYP C . -14.31 -0.65 -14.39
H51 XYP C . -13.84 0.56 -16.48
H52 XYP C . -15.47 1.23 -16.51
HO2 XYP C . -18.76 -1.79 -15.72
HO3 XYP C . -16.74 -0.04 -12.35
HO4 XYP C . -13.69 1.52 -14.14
MG MG D . -4.37 17.38 2.91
C1 EDO E . 24.35 -16.86 5.73
O1 EDO E . 23.20 -17.59 6.17
C2 EDO E . 24.65 -15.73 6.70
O2 EDO E . 24.11 -16.04 7.99
H11 EDO E . 25.22 -17.54 5.68
H12 EDO E . 24.18 -16.46 4.73
HO1 EDO E . 23.01 -18.31 5.55
H21 EDO E . 25.74 -15.57 6.78
H22 EDO E . 24.20 -14.80 6.33
HO2 EDO E . 24.49 -15.44 8.66
C1 EDO F . 10.76 6.33 20.63
O1 EDO F . 11.78 5.97 19.72
C2 EDO F . 9.83 5.14 20.87
O2 EDO F . 8.57 5.60 21.37
H11 EDO F . 11.19 6.65 21.58
H12 EDO F . 10.18 7.17 20.24
HO1 EDO F . 12.34 6.73 19.54
H21 EDO F . 9.68 4.60 19.93
H22 EDO F . 10.28 4.46 21.58
HO2 EDO F . 8.18 4.92 21.93
C1 EDO G . -19.12 18.67 -3.14
O1 EDO G . -18.68 19.96 -3.62
C2 EDO G . -20.61 18.74 -2.78
O2 EDO G . -21.04 17.53 -2.17
H11 EDO G . -18.96 17.91 -3.90
H12 EDO G . -18.54 18.39 -2.25
HO1 EDO G . -17.72 19.97 -3.65
H21 EDO G . -20.78 19.58 -2.11
H22 EDO G . -21.19 18.92 -3.69
HO2 EDO G . -21.82 17.69 -1.64
C1 EDO H . -22.81 1.14 -1.43
O1 EDO H . -22.93 2.54 -1.72
C2 EDO H . -21.36 0.68 -1.33
O2 EDO H . -21.29 -0.68 -1.80
H11 EDO H . -23.32 0.94 -0.48
H12 EDO H . -23.31 0.57 -2.21
HO1 EDO H . -23.85 2.74 -1.93
H21 EDO H . -21.03 0.73 -0.29
H22 EDO H . -20.72 1.32 -1.92
HO2 EDO H . -20.77 -1.21 -1.18
C1 EDO I . -1.10 -13.51 8.43
O1 EDO I . -1.05 -14.20 7.17
C2 EDO I . 0.23 -12.84 8.73
O2 EDO I . 0.71 -13.20 10.03
H11 EDO I . -1.90 -12.77 8.40
H12 EDO I . -1.34 -14.23 9.22
HO1 EDO I . -1.91 -14.58 6.97
H21 EDO I . 0.96 -13.11 7.98
H22 EDO I . 0.10 -11.75 8.69
HO2 EDO I . 1.34 -12.55 10.33
O1 PG4 J . 25.24 -18.88 1.53
C1 PG4 J . 24.31 -18.89 0.46
C2 PG4 J . 24.33 -17.61 -0.32
O2 PG4 J . 25.41 -17.64 -1.23
C3 PG4 J . 25.05 -17.34 -2.58
C4 PG4 J . 25.59 -18.42 -3.47
O3 PG4 J . 24.55 -19.32 -3.85
C5 PG4 J . 23.95 -20.00 -2.75
C6 PG4 J . 22.83 -20.85 -3.28
O4 PG4 J . 22.07 -20.06 -4.17
C7 PG4 J . 21.18 -20.83 -4.99
C8 PG4 J . 20.00 -21.29 -4.19
O5 PG4 J . 19.33 -22.37 -4.79
HO1 PG4 J . 25.19 -19.62 1.94
H11 PG4 J . 24.52 -19.64 -0.13
H12 PG4 J . 23.41 -19.03 0.82
H21 PG4 J . 23.49 -17.51 -0.81
H22 PG4 J . 24.41 -16.84 0.29
H31 PG4 J . 24.08 -17.30 -2.65
H32 PG4 J . 25.42 -16.47 -2.84
H41 PG4 J . 25.97 -18.01 -4.29
H42 PG4 J . 26.30 -18.91 -3.02
H51 PG4 J . 24.61 -20.58 -2.30
H52 PG4 J . 23.61 -19.35 -2.10
H61 PG4 J . 23.19 -21.62 -3.74
H62 PG4 J . 22.27 -21.16 -2.54
H71 PG4 J . 20.88 -20.29 -5.75
H72 PG4 J . 21.66 -21.61 -5.34
H81 PG4 J . 20.31 -21.56 -3.29
H82 PG4 J . 19.38 -20.54 -4.08
HO5 PG4 J . 18.67 -22.59 -4.31
#